data_8Q2D
#
_entry.id   8Q2D
#
_cell.length_a   133.603
_cell.length_b   133.603
_cell.length_c   65.715
_cell.angle_alpha   90.000
_cell.angle_beta   90.000
_cell.angle_gamma   120.000
#
_symmetry.space_group_name_H-M   'P 61'
#
loop_
_entity.id
_entity.type
_entity.pdbx_description
1 polymer 'Intermembrane transport lipoprotein PqiC'
2 water water
#
_entity_poly.entity_id   1
_entity_poly.type   'polypeptide(L)'
_entity_poly.pdbx_seq_one_letter_code
;QMSSGEINKNYYQLPVVQSGTQSTASQGNRLLWVEQVTVPDYLAGNGVVYQTSDVKYVIANNNLWASPLDQQLRNTLVAN
LSTQLPGWVVASQPLGSAQDTLNVTVTEFNGRYDGKVIVSGEWLLNHQGQLIKRPFRLEGVQTQDGYDEMVKVLAGVWSQ
EAASIAQEIKRLP
;
_entity_poly.pdbx_strand_id   A,B,C
#
# COMPACT_ATOMS: atom_id res chain seq x y z
N ASN A 8 -18.18 -27.97 -3.99
CA ASN A 8 -17.83 -26.84 -4.84
C ASN A 8 -16.47 -26.23 -4.48
N LYS A 9 -15.88 -25.53 -5.46
CA LYS A 9 -14.72 -24.67 -5.23
C LYS A 9 -15.15 -23.25 -4.86
N ASN A 10 -14.48 -22.69 -3.85
CA ASN A 10 -14.73 -21.33 -3.37
C ASN A 10 -13.45 -20.51 -3.51
N TYR A 11 -13.61 -19.25 -3.90
CA TYR A 11 -12.49 -18.31 -4.02
C TYR A 11 -12.75 -17.11 -3.12
N TYR A 12 -11.67 -16.53 -2.60
CA TYR A 12 -11.74 -15.50 -1.58
C TYR A 12 -10.88 -14.30 -1.95
N GLN A 13 -11.40 -13.12 -1.63
CA GLN A 13 -10.72 -11.87 -1.93
C GLN A 13 -10.71 -10.99 -0.69
N LEU A 14 -9.57 -10.37 -0.43
CA LEU A 14 -9.54 -9.28 0.52
C LEU A 14 -10.22 -8.10 -0.16
N PRO A 15 -11.30 -7.56 0.38
CA PRO A 15 -12.02 -6.49 -0.32
C PRO A 15 -11.14 -5.25 -0.51
N VAL A 16 -11.19 -4.70 -1.72
CA VAL A 16 -10.49 -3.47 -2.07
C VAL A 16 -11.49 -2.32 -1.93
N VAL A 17 -11.22 -1.39 -1.02
CA VAL A 17 -12.14 -0.31 -0.72
C VAL A 17 -12.08 0.82 -1.75
N LEU A 31 3.39 11.67 -2.57
CA LEU A 31 3.33 10.43 -3.34
C LEU A 31 3.87 9.22 -2.56
N LEU A 32 3.28 8.04 -2.78
CA LEU A 32 3.68 6.81 -2.10
C LEU A 32 3.52 5.64 -3.04
N TRP A 33 4.62 4.98 -3.38
CA TRP A 33 4.60 3.80 -4.23
C TRP A 33 4.72 2.56 -3.35
N VAL A 34 3.66 1.75 -3.30
CA VAL A 34 3.74 0.46 -2.64
C VAL A 34 4.43 -0.49 -3.62
N GLU A 35 5.75 -0.64 -3.44
CA GLU A 35 6.59 -1.27 -4.45
C GLU A 35 6.33 -2.76 -4.55
N GLN A 36 6.23 -3.45 -3.42
CA GLN A 36 6.09 -4.89 -3.46
C GLN A 36 5.65 -5.38 -2.09
N VAL A 37 4.90 -6.47 -2.10
CA VAL A 37 4.59 -7.25 -0.91
C VAL A 37 5.06 -8.67 -1.18
N THR A 38 5.92 -9.18 -0.30
CA THR A 38 6.47 -10.51 -0.44
C THR A 38 5.84 -11.43 0.61
N VAL A 39 5.58 -12.67 0.21
CA VAL A 39 5.13 -13.72 1.13
C VAL A 39 6.06 -14.90 0.92
N PRO A 40 6.29 -15.74 1.93
CA PRO A 40 7.07 -16.96 1.72
C PRO A 40 6.22 -18.01 0.99
N ASP A 41 6.86 -19.13 0.66
CA ASP A 41 6.25 -20.12 -0.21
C ASP A 41 4.92 -20.63 0.33
N TYR A 42 4.85 -20.89 1.64
CA TYR A 42 3.65 -21.53 2.16
C TYR A 42 2.42 -20.63 2.07
N LEU A 43 2.63 -19.32 1.98
CA LEU A 43 1.52 -18.38 1.78
C LEU A 43 1.28 -18.06 0.31
N ALA A 44 2.16 -18.51 -0.59
CA ALA A 44 2.12 -18.20 -2.01
C ALA A 44 1.39 -19.23 -2.84
N GLY A 45 0.86 -20.29 -2.23
CA GLY A 45 0.10 -21.27 -2.97
C GLY A 45 -1.28 -20.74 -3.31
N ASN A 46 -2.08 -21.63 -3.88
CA ASN A 46 -3.44 -21.26 -4.30
C ASN A 46 -4.39 -21.17 -3.12
N GLY A 47 -4.20 -22.01 -2.11
CA GLY A 47 -5.16 -22.17 -1.04
C GLY A 47 -4.94 -21.27 0.15
N VAL A 48 -6.05 -20.91 0.81
CA VAL A 48 -5.98 -20.18 2.07
C VAL A 48 -5.39 -21.08 3.17
N VAL A 49 -4.62 -20.50 4.09
CA VAL A 49 -3.83 -21.26 5.05
C VAL A 49 -4.54 -21.31 6.39
N TYR A 50 -4.62 -22.49 6.97
CA TYR A 50 -5.18 -22.65 8.29
C TYR A 50 -4.18 -23.43 9.14
N GLN A 51 -3.86 -22.89 10.33
CA GLN A 51 -2.89 -23.49 11.24
C GLN A 51 -3.64 -24.44 12.18
N THR A 52 -3.46 -25.74 11.99
CA THR A 52 -4.24 -26.74 12.72
C THR A 52 -3.61 -27.16 14.04
N SER A 53 -2.33 -26.87 14.25
CA SER A 53 -1.65 -27.18 15.50
C SER A 53 -0.55 -26.16 15.69
N ASP A 54 0.28 -26.37 16.71
CA ASP A 54 1.37 -25.45 16.96
C ASP A 54 2.48 -25.59 15.92
N VAL A 55 2.53 -26.70 15.17
CA VAL A 55 3.59 -26.90 14.20
C VAL A 55 3.09 -26.95 12.76
N LYS A 56 1.79 -27.12 12.50
CA LYS A 56 1.31 -27.52 11.19
C LYS A 56 0.44 -26.43 10.56
N TYR A 57 0.77 -26.08 9.31
CA TYR A 57 -0.04 -25.20 8.48
C TYR A 57 -0.56 -25.99 7.28
N VAL A 58 -1.86 -25.87 6.99
CA VAL A 58 -2.50 -26.61 5.92
C VAL A 58 -2.99 -25.64 4.88
N ILE A 59 -2.69 -25.94 3.61
CA ILE A 59 -3.20 -25.18 2.49
C ILE A 59 -4.48 -25.84 2.03
N ALA A 60 -5.57 -25.06 1.98
CA ALA A 60 -6.85 -25.61 1.59
C ALA A 60 -6.85 -25.98 0.11
N ASN A 61 -7.50 -27.09 -0.21
CA ASN A 61 -7.63 -27.50 -1.61
C ASN A 61 -8.83 -26.91 -2.31
N ASN A 62 -9.89 -26.60 -1.57
CA ASN A 62 -11.15 -26.18 -2.20
C ASN A 62 -11.56 -24.77 -1.78
N ASN A 63 -10.68 -24.05 -1.10
CA ASN A 63 -10.92 -22.69 -0.64
C ASN A 63 -9.65 -21.90 -0.97
N LEU A 64 -9.70 -21.19 -2.10
CA LEU A 64 -8.52 -20.65 -2.75
C LEU A 64 -8.61 -19.14 -2.78
N TRP A 65 -7.47 -18.48 -2.96
CA TRP A 65 -7.47 -17.04 -3.19
C TRP A 65 -7.92 -16.76 -4.62
N ALA A 66 -8.74 -15.72 -4.77
CA ALA A 66 -9.26 -15.39 -6.11
C ALA A 66 -8.16 -14.85 -7.01
N SER A 67 -7.06 -14.39 -6.43
CA SER A 67 -5.84 -14.00 -7.11
C SER A 67 -4.72 -14.18 -6.09
N PRO A 68 -3.46 -14.28 -6.54
CA PRO A 68 -2.36 -14.57 -5.59
C PRO A 68 -2.36 -13.62 -4.40
N LEU A 69 -2.08 -14.17 -3.22
CA LEU A 69 -2.21 -13.41 -1.97
C LEU A 69 -1.28 -12.20 -1.94
N ASP A 70 -0.07 -12.31 -2.49
CA ASP A 70 0.83 -11.15 -2.42
C ASP A 70 0.24 -9.98 -3.19
N GLN A 71 -0.40 -10.25 -4.34
CA GLN A 71 -1.08 -9.20 -5.10
C GLN A 71 -2.26 -8.60 -4.31
N GLN A 72 -3.06 -9.46 -3.67
CA GLN A 72 -4.19 -8.96 -2.89
C GLN A 72 -3.72 -8.12 -1.70
N LEU A 73 -2.66 -8.55 -1.02
CA LEU A 73 -2.11 -7.78 0.07
C LEU A 73 -1.63 -6.42 -0.44
N ARG A 74 -0.94 -6.41 -1.58
CA ARG A 74 -0.46 -5.16 -2.16
C ARG A 74 -1.62 -4.22 -2.52
N ASN A 75 -2.63 -4.75 -3.23
CA ASN A 75 -3.74 -3.91 -3.68
C ASN A 75 -4.55 -3.36 -2.52
N THR A 76 -4.86 -4.20 -1.53
CA THR A 76 -5.58 -3.72 -0.36
C THR A 76 -4.74 -2.76 0.45
N LEU A 77 -3.42 -2.97 0.50
CA LEU A 77 -2.54 -2.01 1.15
C LEU A 77 -2.65 -0.65 0.49
N VAL A 78 -2.61 -0.62 -0.85
CA VAL A 78 -2.71 0.65 -1.57
C VAL A 78 -4.02 1.35 -1.25
N ALA A 79 -5.14 0.61 -1.32
CA ALA A 79 -6.45 1.21 -1.07
C ALA A 79 -6.59 1.69 0.37
N ASN A 80 -6.17 0.86 1.33
CA ASN A 80 -6.31 1.23 2.74
C ASN A 80 -5.45 2.44 3.08
N LEU A 81 -4.21 2.47 2.58
CA LEU A 81 -3.36 3.63 2.78
C LEU A 81 -3.97 4.87 2.13
N SER A 82 -4.58 4.70 0.95
CA SER A 82 -5.22 5.83 0.28
C SER A 82 -6.31 6.43 1.14
N THR A 83 -7.12 5.58 1.78
CA THR A 83 -8.14 6.14 2.68
C THR A 83 -7.52 6.71 3.95
N GLN A 84 -6.36 6.21 4.38
CA GLN A 84 -5.72 6.73 5.59
C GLN A 84 -4.88 7.98 5.36
N LEU A 85 -4.54 8.31 4.10
CA LEU A 85 -3.59 9.39 3.80
C LEU A 85 -4.22 10.39 2.84
N PRO A 86 -5.13 11.24 3.33
CA PRO A 86 -5.61 12.33 2.48
C PRO A 86 -4.49 13.28 2.13
N GLY A 87 -4.54 13.82 0.91
CA GLY A 87 -3.45 14.61 0.39
C GLY A 87 -2.33 13.83 -0.24
N TRP A 88 -2.33 12.50 -0.11
CA TRP A 88 -1.34 11.64 -0.72
C TRP A 88 -1.93 10.91 -1.92
N VAL A 89 -1.06 10.54 -2.85
CA VAL A 89 -1.40 9.62 -3.91
C VAL A 89 -0.62 8.34 -3.62
N VAL A 90 -1.36 7.26 -3.34
CA VAL A 90 -0.78 5.96 -3.08
C VAL A 90 -1.10 5.07 -4.26
N ALA A 91 -0.08 4.38 -4.78
CA ALA A 91 -0.28 3.57 -5.98
C ALA A 91 0.66 2.37 -5.97
N SER A 92 0.29 1.36 -6.76
CA SER A 92 1.09 0.17 -7.00
C SER A 92 2.05 0.37 -8.15
N GLN A 93 1.96 1.50 -8.83
CA GLN A 93 2.73 1.90 -9.98
C GLN A 93 3.65 3.04 -9.59
N PRO A 94 4.82 3.17 -10.20
CA PRO A 94 5.70 4.29 -9.84
C PRO A 94 5.02 5.62 -10.15
N LEU A 95 5.31 6.62 -9.32
CA LEU A 95 4.67 7.92 -9.42
C LEU A 95 5.62 9.06 -9.72
N GLY A 96 6.85 9.00 -9.22
CA GLY A 96 7.82 10.07 -9.44
C GLY A 96 9.10 9.73 -8.73
N SER A 97 10.18 10.41 -9.13
CA SER A 97 11.50 10.08 -8.61
C SER A 97 11.64 10.38 -7.12
N ALA A 98 10.96 11.41 -6.61
CA ALA A 98 11.02 11.78 -5.20
C ALA A 98 10.00 11.03 -4.34
N GLN A 99 9.37 9.99 -4.87
CA GLN A 99 8.29 9.33 -4.16
C GLN A 99 8.81 8.55 -2.95
N ASP A 100 7.96 8.41 -1.95
CA ASP A 100 8.22 7.43 -0.91
C ASP A 100 7.98 6.04 -1.47
N THR A 101 8.73 5.06 -0.95
CA THR A 101 8.55 3.67 -1.34
C THR A 101 8.22 2.84 -0.11
N LEU A 102 7.34 1.87 -0.29
CA LEU A 102 6.95 0.98 0.82
C LEU A 102 7.08 -0.45 0.35
N ASN A 103 7.93 -1.21 1.03
CA ASN A 103 8.14 -2.63 0.74
C ASN A 103 7.77 -3.43 1.98
N VAL A 104 6.99 -4.49 1.79
CA VAL A 104 6.42 -5.25 2.90
C VAL A 104 6.68 -6.72 2.68
N THR A 105 7.15 -7.40 3.73
CA THR A 105 7.14 -8.85 3.81
C THR A 105 6.03 -9.24 4.77
N VAL A 106 5.15 -10.14 4.34
CA VAL A 106 4.13 -10.72 5.20
C VAL A 106 4.51 -12.18 5.40
N THR A 107 4.86 -12.55 6.63
CA THR A 107 5.27 -13.91 6.91
C THR A 107 4.18 -14.75 7.54
N GLU A 108 3.13 -14.14 8.09
CA GLU A 108 2.00 -14.88 8.62
C GLU A 108 0.73 -14.19 8.18
N PHE A 109 -0.21 -14.98 7.68
CA PHE A 109 -1.50 -14.45 7.25
C PHE A 109 -2.47 -15.63 7.24
N ASN A 110 -2.89 -16.08 8.42
CA ASN A 110 -3.60 -17.35 8.44
C ASN A 110 -4.60 -17.38 9.60
N GLY A 111 -5.58 -18.28 9.46
CA GLY A 111 -6.40 -18.63 10.60
C GLY A 111 -5.71 -19.68 11.46
N ARG A 112 -6.27 -19.91 12.64
CA ARG A 112 -5.65 -20.81 13.61
C ARG A 112 -6.71 -21.60 14.35
N TYR A 113 -6.31 -22.78 14.82
CA TYR A 113 -7.23 -23.75 15.43
C TYR A 113 -7.99 -23.18 16.63
N ASP A 114 -7.45 -22.15 17.29
CA ASP A 114 -8.09 -21.55 18.46
C ASP A 114 -9.04 -20.41 18.08
N GLY A 115 -9.42 -20.29 16.82
CA GLY A 115 -10.33 -19.24 16.39
C GLY A 115 -9.69 -17.89 16.13
N LYS A 116 -8.36 -17.80 16.22
CA LYS A 116 -7.66 -16.55 15.96
C LYS A 116 -7.13 -16.53 14.52
N VAL A 117 -6.88 -15.32 14.04
CA VAL A 117 -6.18 -15.10 12.78
C VAL A 117 -4.93 -14.30 13.10
N ILE A 118 -3.83 -14.65 12.46
CA ILE A 118 -2.51 -14.08 12.76
C ILE A 118 -2.02 -13.40 11.49
N VAL A 119 -1.55 -12.16 11.65
CA VAL A 119 -1.04 -11.34 10.56
C VAL A 119 0.29 -10.75 11.04
N SER A 120 1.39 -11.18 10.44
CA SER A 120 2.66 -10.63 10.88
C SER A 120 3.63 -10.55 9.72
N GLY A 121 4.65 -9.73 9.91
CA GLY A 121 5.68 -9.48 8.91
C GLY A 121 6.49 -8.25 9.24
N GLU A 122 6.90 -7.51 8.20
CA GLU A 122 7.80 -6.38 8.40
C GLU A 122 7.64 -5.44 7.22
N TRP A 123 7.58 -4.13 7.49
CA TRP A 123 7.53 -3.17 6.40
C TRP A 123 8.75 -2.26 6.45
N LEU A 124 9.08 -1.73 5.27
CA LEU A 124 10.25 -0.91 5.06
C LEU A 124 9.83 0.29 4.21
N LEU A 125 9.82 1.47 4.84
CA LEU A 125 9.43 2.70 4.17
C LEU A 125 10.67 3.55 3.93
N ASN A 126 10.82 4.02 2.70
CA ASN A 126 11.82 5.04 2.39
C ASN A 126 11.09 6.38 2.25
N HIS A 127 11.25 7.24 3.26
CA HIS A 127 10.61 8.56 3.29
C HIS A 127 11.72 9.60 3.18
N GLN A 128 11.87 10.20 1.99
CA GLN A 128 12.86 11.26 1.74
C GLN A 128 14.26 10.87 2.23
N GLY A 129 14.65 9.63 1.93
CA GLY A 129 15.97 9.17 2.29
C GLY A 129 16.09 8.56 3.67
N GLN A 130 15.04 8.56 4.47
CA GLN A 130 15.08 7.85 5.74
C GLN A 130 14.48 6.47 5.56
N LEU A 131 15.21 5.46 6.01
CA LEU A 131 14.74 4.09 5.94
C LEU A 131 14.14 3.77 7.30
N ILE A 132 12.90 3.33 7.30
CA ILE A 132 12.19 2.97 8.52
C ILE A 132 11.70 1.55 8.38
N LYS A 133 12.21 0.66 9.24
CA LYS A 133 11.88 -0.75 9.20
C LYS A 133 11.13 -1.09 10.48
N ARG A 134 9.93 -1.67 10.34
CA ARG A 134 9.11 -1.95 11.52
C ARG A 134 8.53 -3.35 11.37
N PRO A 135 8.76 -4.22 12.35
CA PRO A 135 8.04 -5.49 12.40
C PRO A 135 6.61 -5.26 12.87
N PHE A 136 5.73 -6.17 12.49
CA PHE A 136 4.37 -6.13 12.98
C PHE A 136 3.89 -7.55 13.23
N ARG A 137 3.06 -7.68 14.27
CA ARG A 137 2.39 -8.93 14.55
C ARG A 137 1.07 -8.58 15.21
N LEU A 138 -0.04 -8.89 14.55
CA LEU A 138 -1.37 -8.57 15.02
C LEU A 138 -2.23 -9.83 14.98
N GLU A 139 -3.22 -9.87 15.87
CA GLU A 139 -4.17 -10.97 15.94
C GLU A 139 -5.59 -10.44 15.84
N GLY A 140 -6.45 -11.22 15.18
CA GLY A 140 -7.88 -10.98 15.19
C GLY A 140 -8.60 -12.20 15.73
N VAL A 141 -9.88 -12.01 16.03
CA VAL A 141 -10.71 -13.07 16.60
C VAL A 141 -11.83 -13.39 15.62
N GLN A 142 -11.94 -14.67 15.27
CA GLN A 142 -12.97 -15.15 14.37
C GLN A 142 -14.21 -15.51 15.18
N THR A 143 -15.26 -14.68 15.10
CA THR A 143 -16.46 -14.95 15.87
C THR A 143 -17.39 -15.95 15.19
N GLN A 144 -17.25 -16.20 13.88
CA GLN A 144 -18.03 -17.21 13.20
C GLN A 144 -17.09 -18.19 12.50
N ASP A 145 -17.54 -19.44 12.35
CA ASP A 145 -16.79 -20.46 11.63
C ASP A 145 -16.78 -20.20 10.14
N GLY A 146 -15.82 -20.80 9.45
CA GLY A 146 -15.82 -20.78 8.00
C GLY A 146 -14.71 -19.91 7.43
N TYR A 147 -14.36 -20.20 6.18
CA TYR A 147 -13.30 -19.43 5.51
C TYR A 147 -13.78 -18.03 5.17
N ASP A 148 -15.09 -17.87 4.95
CA ASP A 148 -15.71 -16.57 4.77
C ASP A 148 -15.29 -15.60 5.89
N GLU A 149 -15.63 -15.97 7.13
CA GLU A 149 -15.33 -15.12 8.28
C GLU A 149 -13.83 -15.00 8.51
N MET A 150 -13.08 -16.08 8.28
CA MET A 150 -11.64 -16.02 8.47
C MET A 150 -11.01 -14.96 7.57
N VAL A 151 -11.42 -14.94 6.30
CA VAL A 151 -10.89 -13.97 5.34
C VAL A 151 -11.38 -12.56 5.69
N LYS A 152 -12.63 -12.44 6.16
CA LYS A 152 -13.13 -11.14 6.61
C LYS A 152 -12.26 -10.56 7.73
N VAL A 153 -11.97 -11.38 8.73
CA VAL A 153 -11.19 -10.91 9.88
C VAL A 153 -9.75 -10.59 9.47
N LEU A 154 -9.17 -11.44 8.61
CA LEU A 154 -7.82 -11.16 8.12
C LEU A 154 -7.77 -9.84 7.36
N ALA A 155 -8.79 -9.57 6.54
CA ALA A 155 -8.83 -8.30 5.82
C ALA A 155 -8.91 -7.13 6.79
N GLY A 156 -9.72 -7.25 7.84
CA GLY A 156 -9.79 -6.19 8.84
C GLY A 156 -8.47 -5.94 9.55
N VAL A 157 -7.75 -7.01 9.91
CA VAL A 157 -6.47 -6.83 10.59
C VAL A 157 -5.44 -6.20 9.65
N TRP A 158 -5.44 -6.62 8.38
CA TRP A 158 -4.56 -6.02 7.38
C TRP A 158 -4.85 -4.53 7.22
N SER A 159 -6.12 -4.15 7.30
CA SER A 159 -6.47 -2.73 7.25
C SER A 159 -5.94 -1.99 8.49
N GLN A 160 -5.97 -2.65 9.65
CA GLN A 160 -5.38 -2.03 10.84
C GLN A 160 -3.89 -1.80 10.66
N GLU A 161 -3.21 -2.73 9.98
CA GLU A 161 -1.78 -2.55 9.75
C GLU A 161 -1.52 -1.38 8.81
N ALA A 162 -2.36 -1.20 7.79
CA ALA A 162 -2.26 -0.01 6.96
C ALA A 162 -2.44 1.26 7.79
N ALA A 163 -3.40 1.26 8.73
CA ALA A 163 -3.61 2.46 9.55
C ALA A 163 -2.38 2.77 10.40
N SER A 164 -1.75 1.72 10.95
CA SER A 164 -0.50 1.90 11.69
C SER A 164 0.60 2.53 10.82
N ILE A 165 0.76 2.01 9.60
CA ILE A 165 1.78 2.56 8.70
C ILE A 165 1.50 4.02 8.39
N ALA A 166 0.24 4.35 8.13
CA ALA A 166 -0.12 5.73 7.81
C ALA A 166 0.11 6.65 8.99
N GLN A 167 -0.12 6.15 10.22
CA GLN A 167 0.14 6.96 11.40
C GLN A 167 1.63 7.31 11.48
N GLU A 168 2.50 6.33 11.22
CA GLU A 168 3.92 6.66 11.21
C GLU A 168 4.27 7.68 10.12
N ILE A 169 3.64 7.56 8.95
CA ILE A 169 3.94 8.51 7.89
C ILE A 169 3.53 9.92 8.28
N LYS A 170 2.36 10.07 8.90
CA LYS A 170 1.86 11.39 9.27
C LYS A 170 2.72 12.09 10.32
N ARG A 171 3.61 11.36 11.00
CA ARG A 171 4.54 11.93 11.97
C ARG A 171 5.86 12.41 11.36
N LEU A 172 6.10 12.15 10.08
CA LEU A 172 7.23 12.53 9.23
C LEU A 172 7.00 13.87 8.51
N PRO A 173 8.06 14.63 8.23
CA PRO A 173 7.98 15.89 7.48
C PRO A 173 7.47 15.74 6.04
N ILE B 7 -30.68 -33.13 -12.37
CA ILE B 7 -30.14 -31.94 -13.02
C ILE B 7 -29.01 -32.34 -13.97
N ASN B 8 -28.61 -31.41 -14.84
CA ASN B 8 -27.74 -31.66 -15.98
C ASN B 8 -26.40 -30.95 -15.82
N LYS B 9 -25.42 -31.40 -16.60
CA LYS B 9 -24.19 -30.64 -16.78
C LYS B 9 -24.42 -29.60 -17.88
N ASN B 10 -24.11 -28.34 -17.58
CA ASN B 10 -24.36 -27.24 -18.50
C ASN B 10 -23.06 -26.52 -18.84
N TYR B 11 -22.91 -26.14 -20.11
CA TYR B 11 -21.76 -25.39 -20.58
C TYR B 11 -22.23 -24.10 -21.27
N TYR B 12 -21.42 -23.05 -21.16
CA TYR B 12 -21.83 -21.72 -21.59
C TYR B 12 -20.79 -21.09 -22.51
N GLN B 13 -21.27 -20.35 -23.50
CA GLN B 13 -20.43 -19.66 -24.47
C GLN B 13 -20.93 -18.23 -24.64
N LEU B 14 -20.01 -17.28 -24.61
CA LEU B 14 -20.37 -15.92 -25.02
C LEU B 14 -20.51 -15.92 -26.53
N PRO B 15 -21.66 -15.54 -27.08
CA PRO B 15 -21.86 -15.60 -28.54
C PRO B 15 -20.89 -14.71 -29.30
N VAL B 16 -20.32 -15.27 -30.37
CA VAL B 16 -19.46 -14.53 -31.29
C VAL B 16 -20.32 -14.15 -32.49
N VAL B 17 -20.44 -12.85 -32.74
CA VAL B 17 -21.37 -12.33 -33.75
C VAL B 17 -20.86 -12.48 -35.19
N LEU B 31 -5.12 -0.05 -38.08
CA LEU B 31 -5.47 -1.42 -37.70
C LEU B 31 -5.40 -1.61 -36.19
N LEU B 32 -6.09 -2.63 -35.69
CA LEU B 32 -6.20 -2.87 -34.25
C LEU B 32 -6.02 -4.36 -33.97
N TRP B 33 -4.93 -4.68 -33.28
CA TRP B 33 -4.61 -6.04 -32.88
C TRP B 33 -5.04 -6.20 -31.42
N VAL B 34 -6.04 -7.04 -31.19
CA VAL B 34 -6.43 -7.38 -29.82
C VAL B 34 -5.43 -8.42 -29.32
N GLU B 35 -4.40 -7.95 -28.60
CA GLU B 35 -3.25 -8.79 -28.29
C GLU B 35 -3.57 -9.84 -27.24
N GLN B 36 -4.27 -9.47 -26.18
CA GLN B 36 -4.48 -10.41 -25.09
C GLN B 36 -5.58 -9.90 -24.16
N VAL B 37 -6.32 -10.83 -23.58
CA VAL B 37 -7.22 -10.57 -22.46
C VAL B 37 -6.81 -11.50 -21.33
N THR B 38 -6.50 -10.94 -20.17
CA THR B 38 -6.14 -11.74 -19.01
C THR B 38 -7.25 -11.65 -17.97
N VAL B 39 -7.44 -12.74 -17.25
CA VAL B 39 -8.38 -12.80 -16.13
C VAL B 39 -7.65 -13.32 -14.91
N PRO B 40 -8.08 -12.97 -13.66
CA PRO B 40 -7.45 -13.55 -12.46
C PRO B 40 -7.86 -15.00 -12.24
N ASP B 41 -7.26 -15.65 -11.23
CA ASP B 41 -7.39 -17.10 -11.08
C ASP B 41 -8.85 -17.54 -10.92
N TYR B 42 -9.63 -16.83 -10.12
CA TYR B 42 -11.00 -17.29 -9.87
C TYR B 42 -11.88 -17.24 -11.12
N LEU B 43 -11.52 -16.43 -12.12
CA LEU B 43 -12.25 -16.39 -13.38
C LEU B 43 -11.67 -17.32 -14.44
N ALA B 44 -10.51 -17.93 -14.18
CA ALA B 44 -9.80 -18.74 -15.15
C ALA B 44 -10.11 -20.22 -15.03
N GLY B 45 -10.93 -20.64 -14.06
CA GLY B 45 -11.36 -22.02 -13.96
C GLY B 45 -12.46 -22.34 -14.96
N ASN B 46 -12.99 -23.56 -14.82
CA ASN B 46 -14.06 -24.01 -15.70
C ASN B 46 -15.40 -23.36 -15.37
N GLY B 47 -15.66 -23.05 -14.11
CA GLY B 47 -17.00 -22.72 -13.68
C GLY B 47 -17.35 -21.25 -13.84
N VAL B 48 -18.63 -21.01 -14.15
CA VAL B 48 -19.14 -19.65 -14.14
C VAL B 48 -19.21 -19.19 -12.69
N VAL B 49 -18.89 -17.93 -12.46
CA VAL B 49 -18.61 -17.43 -11.11
C VAL B 49 -19.81 -16.68 -10.55
N TYR B 50 -20.16 -16.96 -9.30
CA TYR B 50 -21.19 -16.20 -8.62
C TYR B 50 -20.63 -15.65 -7.32
N GLN B 51 -20.73 -14.34 -7.13
CA GLN B 51 -20.18 -13.69 -5.94
C GLN B 51 -21.24 -13.68 -4.84
N THR B 52 -21.03 -14.46 -3.79
CA THR B 52 -22.05 -14.59 -2.75
C THR B 52 -21.89 -13.58 -1.62
N SER B 53 -20.71 -13.00 -1.45
CA SER B 53 -20.50 -11.98 -0.42
C SER B 53 -19.35 -11.08 -0.88
N ASP B 54 -18.92 -10.19 -0.01
CA ASP B 54 -17.83 -9.30 -0.39
C ASP B 54 -16.48 -10.01 -0.41
N VAL B 55 -16.38 -11.20 0.19
CA VAL B 55 -15.12 -11.92 0.18
C VAL B 55 -15.21 -13.25 -0.56
N LYS B 56 -16.40 -13.78 -0.86
CA LYS B 56 -16.54 -15.15 -1.32
C LYS B 56 -17.12 -15.23 -2.74
N TYR B 57 -16.47 -16.04 -3.58
CA TYR B 57 -16.93 -16.43 -4.91
C TYR B 57 -17.19 -17.93 -4.95
N VAL B 58 -18.31 -18.35 -5.54
CA VAL B 58 -18.68 -19.75 -5.62
C VAL B 58 -18.72 -20.20 -7.08
N ILE B 59 -18.10 -21.35 -7.35
CA ILE B 59 -18.12 -22.04 -8.64
C ILE B 59 -19.09 -23.21 -8.59
N ALA B 60 -20.09 -23.24 -9.47
CA ALA B 60 -20.97 -24.39 -9.58
C ALA B 60 -20.25 -25.50 -10.34
N ASN B 61 -20.50 -26.74 -9.96
CA ASN B 61 -19.83 -27.87 -10.60
C ASN B 61 -20.51 -28.27 -11.91
N ASN B 62 -21.76 -27.87 -12.09
CA ASN B 62 -22.56 -28.28 -13.24
C ASN B 62 -22.85 -27.11 -14.16
N ASN B 63 -22.17 -25.98 -13.98
CA ASN B 63 -22.34 -24.82 -14.85
C ASN B 63 -20.96 -24.26 -15.19
N LEU B 64 -20.44 -24.69 -16.35
CA LEU B 64 -19.05 -24.45 -16.72
C LEU B 64 -19.01 -23.69 -18.04
N TRP B 65 -17.87 -23.04 -18.28
CA TRP B 65 -17.63 -22.44 -19.59
C TRP B 65 -17.29 -23.51 -20.60
N ALA B 66 -17.84 -23.39 -21.81
CA ALA B 66 -17.56 -24.37 -22.87
C ALA B 66 -16.14 -24.23 -23.41
N SER B 67 -15.49 -23.09 -23.18
CA SER B 67 -14.10 -22.87 -23.53
C SER B 67 -13.55 -21.82 -22.57
N PRO B 68 -12.22 -21.72 -22.43
CA PRO B 68 -11.66 -20.80 -21.43
C PRO B 68 -12.21 -19.38 -21.58
N LEU B 69 -12.52 -18.76 -20.43
CA LEU B 69 -13.19 -17.45 -20.45
C LEU B 69 -12.31 -16.37 -21.07
N ASP B 70 -11.00 -16.39 -20.82
CA ASP B 70 -10.16 -15.33 -21.39
C ASP B 70 -10.14 -15.42 -22.92
N GLN B 71 -10.11 -16.63 -23.47
CA GLN B 71 -10.21 -16.78 -24.92
C GLN B 71 -11.55 -16.30 -25.44
N GLN B 72 -12.64 -16.63 -24.73
CA GLN B 72 -13.96 -16.19 -25.16
C GLN B 72 -14.06 -14.68 -25.12
N LEU B 73 -13.52 -14.06 -24.06
CA LEU B 73 -13.51 -12.61 -23.95
C LEU B 73 -12.72 -12.00 -25.11
N ARG B 74 -11.57 -12.58 -25.44
CA ARG B 74 -10.79 -12.07 -26.56
C ARG B 74 -11.55 -12.19 -27.88
N ASN B 75 -12.12 -13.37 -28.16
CA ASN B 75 -12.80 -13.59 -29.43
C ASN B 75 -14.02 -12.70 -29.57
N THR B 76 -14.83 -12.60 -28.51
CA THR B 76 -15.99 -11.72 -28.57
C THR B 76 -15.57 -10.27 -28.65
N LEU B 77 -14.46 -9.89 -27.99
CA LEU B 77 -13.94 -8.53 -28.13
C LEU B 77 -13.60 -8.23 -29.58
N VAL B 78 -12.91 -9.16 -30.24
CA VAL B 78 -12.52 -8.96 -31.63
C VAL B 78 -13.75 -8.80 -32.52
N ALA B 79 -14.73 -9.70 -32.37
CA ALA B 79 -15.93 -9.63 -33.21
C ALA B 79 -16.75 -8.37 -32.92
N ASN B 80 -16.92 -8.04 -31.64
CA ASN B 80 -17.72 -6.87 -31.28
C ASN B 80 -17.07 -5.58 -31.77
N LEU B 81 -15.74 -5.48 -31.63
CA LEU B 81 -15.02 -4.33 -32.17
C LEU B 81 -15.13 -4.28 -33.68
N SER B 82 -15.03 -5.43 -34.34
CA SER B 82 -15.14 -5.46 -35.81
C SER B 82 -16.47 -4.92 -36.28
N THR B 83 -17.57 -5.30 -35.61
CA THR B 83 -18.85 -4.71 -35.98
C THR B 83 -18.94 -3.26 -35.55
N GLN B 84 -18.24 -2.89 -34.48
CA GLN B 84 -18.28 -1.52 -33.97
C GLN B 84 -17.34 -0.60 -34.73
N LEU B 85 -16.40 -1.14 -35.49
CA LEU B 85 -15.39 -0.35 -36.20
C LEU B 85 -15.38 -0.75 -37.68
N PRO B 86 -16.39 -0.36 -38.43
CA PRO B 86 -16.32 -0.56 -39.89
C PRO B 86 -15.21 0.30 -40.47
N GLY B 87 -14.54 -0.24 -41.50
CA GLY B 87 -13.36 0.39 -42.05
C GLY B 87 -12.07 0.05 -41.34
N TRP B 88 -12.15 -0.60 -40.19
CA TRP B 88 -11.00 -1.11 -39.45
C TRP B 88 -10.89 -2.62 -39.64
N VAL B 89 -9.68 -3.13 -39.48
CA VAL B 89 -9.43 -4.56 -39.41
C VAL B 89 -9.03 -4.88 -37.97
N VAL B 90 -9.87 -5.65 -37.28
CA VAL B 90 -9.61 -6.09 -35.91
C VAL B 90 -9.34 -7.59 -35.94
N ALA B 91 -8.26 -8.00 -35.28
CA ALA B 91 -7.86 -9.40 -35.34
C ALA B 91 -7.18 -9.78 -34.04
N SER B 92 -7.13 -11.08 -33.77
CA SER B 92 -6.50 -11.57 -32.56
C SER B 92 -5.00 -11.81 -32.70
N GLN B 93 -4.47 -11.82 -33.93
CA GLN B 93 -3.04 -11.92 -34.19
C GLN B 93 -2.59 -10.73 -35.05
N PRO B 94 -1.29 -10.40 -35.02
CA PRO B 94 -0.83 -9.12 -35.60
C PRO B 94 -1.21 -8.91 -37.06
N LEU B 95 -1.37 -7.64 -37.41
CA LEU B 95 -1.86 -7.20 -38.71
C LEU B 95 -0.83 -6.43 -39.53
N GLY B 96 0.03 -5.65 -38.89
CA GLY B 96 1.01 -4.87 -39.62
C GLY B 96 1.79 -4.02 -38.65
N SER B 97 2.91 -3.48 -39.16
CA SER B 97 3.74 -2.64 -38.30
C SER B 97 3.01 -1.36 -37.90
N ALA B 98 2.09 -0.88 -38.74
CA ALA B 98 1.33 0.33 -38.46
C ALA B 98 0.09 0.08 -37.61
N GLN B 99 -0.03 -1.10 -37.02
CA GLN B 99 -1.22 -1.43 -36.25
C GLN B 99 -1.19 -0.77 -34.88
N ASP B 100 -2.37 -0.41 -34.38
CA ASP B 100 -2.57 -0.19 -32.96
C ASP B 100 -2.74 -1.52 -32.25
N THR B 101 -2.40 -1.55 -30.96
CA THR B 101 -2.58 -2.76 -30.16
C THR B 101 -3.47 -2.47 -28.96
N LEU B 102 -4.24 -3.50 -28.56
CA LEU B 102 -5.16 -3.40 -27.43
C LEU B 102 -4.92 -4.57 -26.49
N ASN B 103 -4.61 -4.26 -25.23
CA ASN B 103 -4.46 -5.26 -24.18
C ASN B 103 -5.46 -4.95 -23.08
N VAL B 104 -6.17 -5.98 -22.60
CA VAL B 104 -7.26 -5.82 -21.66
C VAL B 104 -7.07 -6.80 -20.51
N THR B 105 -7.19 -6.30 -19.29
CA THR B 105 -7.33 -7.13 -18.10
C THR B 105 -8.78 -7.08 -17.66
N VAL B 106 -9.38 -8.25 -17.45
CA VAL B 106 -10.73 -8.36 -16.93
C VAL B 106 -10.61 -8.91 -15.51
N THR B 107 -10.95 -8.08 -14.52
CA THR B 107 -10.84 -8.51 -13.14
C THR B 107 -12.16 -8.94 -12.51
N GLU B 108 -13.29 -8.57 -13.12
CA GLU B 108 -14.60 -9.04 -12.67
C GLU B 108 -15.42 -9.39 -13.88
N PHE B 109 -16.06 -10.55 -13.83
CA PHE B 109 -16.94 -11.01 -14.89
C PHE B 109 -17.87 -12.06 -14.30
N ASN B 110 -18.82 -11.60 -13.48
CA ASN B 110 -19.56 -12.56 -12.66
C ASN B 110 -20.90 -11.99 -12.24
N GLY B 111 -21.80 -12.90 -11.84
CA GLY B 111 -23.00 -12.51 -11.14
C GLY B 111 -22.72 -12.20 -9.67
N ARG B 112 -23.73 -11.64 -9.00
CA ARG B 112 -23.54 -11.18 -7.62
C ARG B 112 -24.85 -11.35 -6.84
N TYR B 113 -24.68 -11.47 -5.52
CA TYR B 113 -25.77 -11.76 -4.59
C TYR B 113 -26.91 -10.75 -4.66
N ASP B 114 -26.66 -9.55 -5.16
CA ASP B 114 -27.69 -8.53 -5.26
C ASP B 114 -28.45 -8.59 -6.59
N GLY B 115 -28.32 -9.68 -7.35
CA GLY B 115 -28.98 -9.78 -8.63
C GLY B 115 -28.29 -9.07 -9.75
N LYS B 116 -27.12 -8.48 -9.50
CA LYS B 116 -26.39 -7.72 -10.48
C LYS B 116 -25.32 -8.58 -11.16
N VAL B 117 -24.90 -8.12 -12.33
CA VAL B 117 -23.82 -8.71 -13.10
C VAL B 117 -22.73 -7.66 -13.22
N ILE B 118 -21.49 -8.05 -12.97
CA ILE B 118 -20.35 -7.14 -12.85
C ILE B 118 -19.31 -7.50 -13.89
N VAL B 119 -18.86 -6.48 -14.63
CA VAL B 119 -17.83 -6.61 -15.66
C VAL B 119 -16.88 -5.45 -15.45
N SER B 120 -15.69 -5.73 -14.96
CA SER B 120 -14.78 -4.63 -14.73
C SER B 120 -13.35 -5.08 -14.95
N GLY B 121 -12.49 -4.09 -15.14
CA GLY B 121 -11.09 -4.32 -15.43
C GLY B 121 -10.44 -3.06 -15.97
N GLU B 122 -9.52 -3.23 -16.90
CA GLU B 122 -8.73 -2.11 -17.40
C GLU B 122 -8.20 -2.48 -18.77
N TRP B 123 -8.25 -1.53 -19.70
CA TRP B 123 -7.67 -1.76 -21.02
C TRP B 123 -6.57 -0.73 -21.30
N LEU B 124 -5.65 -1.14 -22.17
CA LEU B 124 -4.45 -0.37 -22.49
C LEU B 124 -4.31 -0.36 -24.00
N LEU B 125 -4.43 0.82 -24.60
CA LEU B 125 -4.35 0.99 -26.03
C LEU B 125 -3.00 1.61 -26.38
N ASN B 126 -2.31 0.98 -27.33
CA ASN B 126 -1.10 1.53 -27.93
C ASN B 126 -1.51 2.13 -29.27
N HIS B 127 -1.65 3.45 -29.31
CA HIS B 127 -2.07 4.17 -30.52
C HIS B 127 -0.91 5.03 -31.00
N GLN B 128 -0.29 4.62 -32.10
CA GLN B 128 0.83 5.35 -32.70
C GLN B 128 1.92 5.60 -31.67
N GLY B 129 2.16 4.59 -30.83
CA GLY B 129 3.19 4.65 -29.82
C GLY B 129 2.82 5.33 -28.53
N GLN B 130 1.64 5.97 -28.45
CA GLN B 130 1.21 6.60 -27.22
C GLN B 130 0.20 5.71 -26.50
N LEU B 131 0.34 5.60 -25.19
CA LEU B 131 -0.50 4.73 -24.37
C LEU B 131 -1.71 5.46 -23.78
N ILE B 132 -2.88 4.83 -23.90
CA ILE B 132 -4.11 5.28 -23.26
C ILE B 132 -4.60 4.15 -22.37
N LYS B 133 -4.64 4.41 -21.06
CA LYS B 133 -5.00 3.42 -20.06
C LYS B 133 -6.33 3.82 -19.43
N ARG B 134 -7.30 2.91 -19.44
CA ARG B 134 -8.60 3.24 -18.91
C ARG B 134 -9.20 2.08 -18.09
N PRO B 135 -9.60 2.34 -16.86
CA PRO B 135 -10.40 1.36 -16.12
C PRO B 135 -11.83 1.36 -16.60
N PHE B 136 -12.50 0.23 -16.39
CA PHE B 136 -13.92 0.13 -16.66
C PHE B 136 -14.59 -0.67 -15.57
N ARG B 137 -15.83 -0.28 -15.28
CA ARG B 137 -16.70 -0.95 -14.32
C ARG B 137 -18.12 -0.79 -14.85
N LEU B 138 -18.74 -1.89 -15.25
CA LEU B 138 -20.09 -1.88 -15.79
C LEU B 138 -20.92 -2.91 -15.04
N GLU B 139 -22.21 -2.59 -14.90
CA GLU B 139 -23.18 -3.45 -14.24
C GLU B 139 -24.40 -3.63 -15.13
N GLY B 140 -24.91 -4.87 -15.11
CA GLY B 140 -26.19 -5.19 -15.68
C GLY B 140 -27.05 -5.82 -14.60
N VAL B 141 -28.33 -6.01 -14.91
CA VAL B 141 -29.25 -6.63 -13.96
C VAL B 141 -29.75 -7.93 -14.55
N GLN B 142 -29.74 -8.97 -13.73
CA GLN B 142 -30.26 -10.28 -14.09
C GLN B 142 -31.76 -10.30 -13.77
N THR B 143 -32.60 -10.27 -14.81
CA THR B 143 -34.04 -10.21 -14.58
C THR B 143 -34.67 -11.56 -14.29
N GLN B 144 -34.00 -12.68 -14.60
CA GLN B 144 -34.46 -13.98 -14.14
C GLN B 144 -33.29 -14.76 -13.53
N ASP B 145 -33.63 -15.69 -12.64
CA ASP B 145 -32.64 -16.53 -11.99
C ASP B 145 -31.95 -17.45 -12.99
N GLY B 146 -30.79 -17.96 -12.60
CA GLY B 146 -30.16 -18.99 -13.40
C GLY B 146 -28.92 -18.49 -14.11
N TYR B 147 -28.07 -19.46 -14.48
CA TYR B 147 -26.83 -19.16 -15.19
C TYR B 147 -27.05 -18.77 -16.64
N ASP B 148 -28.09 -19.31 -17.28
CA ASP B 148 -28.48 -18.88 -18.63
C ASP B 148 -28.57 -17.36 -18.70
N GLU B 149 -29.42 -16.78 -17.85
CA GLU B 149 -29.64 -15.35 -17.87
C GLU B 149 -28.41 -14.58 -17.42
N MET B 150 -27.67 -15.12 -16.44
CA MET B 150 -26.46 -14.45 -15.98
C MET B 150 -25.48 -14.31 -17.12
N VAL B 151 -25.28 -15.38 -17.89
CA VAL B 151 -24.34 -15.35 -19.00
C VAL B 151 -24.84 -14.44 -20.12
N LYS B 152 -26.17 -14.45 -20.38
CA LYS B 152 -26.72 -13.50 -21.37
C LYS B 152 -26.41 -12.07 -21.01
N VAL B 153 -26.65 -11.70 -19.75
CA VAL B 153 -26.40 -10.32 -19.32
C VAL B 153 -24.91 -10.00 -19.38
N LEU B 154 -24.06 -10.96 -18.99
CA LEU B 154 -22.62 -10.75 -19.08
C LEU B 154 -22.18 -10.52 -20.52
N ALA B 155 -22.74 -11.30 -21.47
CA ALA B 155 -22.39 -11.10 -22.87
C ALA B 155 -22.78 -9.72 -23.35
N GLY B 156 -23.98 -9.27 -22.98
CA GLY B 156 -24.43 -7.94 -23.37
C GLY B 156 -23.56 -6.84 -22.80
N VAL B 157 -23.17 -6.97 -21.53
CA VAL B 157 -22.34 -5.95 -20.89
C VAL B 157 -20.95 -5.93 -21.50
N TRP B 158 -20.37 -7.10 -21.78
CA TRP B 158 -19.08 -7.16 -22.46
C TRP B 158 -19.14 -6.48 -23.82
N SER B 159 -20.27 -6.64 -24.54
CA SER B 159 -20.41 -5.97 -25.82
C SER B 159 -20.51 -4.46 -25.67
N GLN B 160 -21.20 -3.99 -24.63
CA GLN B 160 -21.24 -2.54 -24.40
C GLN B 160 -19.87 -1.98 -24.02
N GLU B 161 -19.04 -2.77 -23.33
CA GLU B 161 -17.67 -2.35 -23.08
C GLU B 161 -16.88 -2.26 -24.38
N ALA B 162 -17.12 -3.20 -25.30
CA ALA B 162 -16.55 -3.08 -26.64
C ALA B 162 -16.96 -1.77 -27.30
N ALA B 163 -18.23 -1.39 -27.13
CA ALA B 163 -18.71 -0.13 -27.72
C ALA B 163 -17.99 1.07 -27.13
N SER B 164 -17.75 1.06 -25.82
CA SER B 164 -16.98 2.13 -25.18
C SER B 164 -15.58 2.23 -25.76
N ILE B 165 -14.89 1.08 -25.88
CA ILE B 165 -13.54 1.09 -26.44
C ILE B 165 -13.55 1.63 -27.86
N ALA B 166 -14.52 1.20 -28.66
CA ALA B 166 -14.57 1.67 -30.05
C ALA B 166 -14.89 3.17 -30.13
N GLN B 167 -15.71 3.68 -29.21
CA GLN B 167 -15.99 5.11 -29.18
C GLN B 167 -14.71 5.88 -28.92
N GLU B 168 -13.92 5.41 -27.95
CA GLU B 168 -12.65 6.07 -27.66
C GLU B 168 -11.69 6.01 -28.85
N ILE B 169 -11.67 4.87 -29.55
CA ILE B 169 -10.80 4.75 -30.73
C ILE B 169 -11.25 5.68 -31.84
N LYS B 170 -12.56 5.72 -32.13
CA LYS B 170 -13.10 6.57 -33.19
C LYS B 170 -12.97 8.04 -32.85
N ARG B 171 -12.79 8.36 -31.57
CA ARG B 171 -12.58 9.73 -31.14
C ARG B 171 -11.16 10.22 -31.42
N LEU B 172 -10.28 9.33 -31.84
CA LEU B 172 -8.93 9.78 -32.13
C LEU B 172 -8.88 10.43 -33.50
N PRO B 173 -8.12 11.53 -33.67
CA PRO B 173 -7.96 12.16 -34.99
C PRO B 173 -7.25 11.23 -35.97
N ILE C 7 -6.87 18.92 36.43
CA ILE C 7 -5.95 18.74 35.32
C ILE C 7 -4.68 18.06 35.84
N ASN C 8 -4.05 17.24 35.00
CA ASN C 8 -2.89 16.47 35.44
C ASN C 8 -1.60 17.10 34.95
N LYS C 9 -0.52 16.78 35.67
CA LYS C 9 0.83 17.07 35.21
C LYS C 9 1.29 15.92 34.33
N ASN C 10 1.77 16.25 33.13
CA ASN C 10 2.17 15.25 32.17
C ASN C 10 3.65 15.40 31.83
N TYR C 11 4.32 14.27 31.69
CA TYR C 11 5.73 14.24 31.31
C TYR C 11 5.90 13.45 30.02
N TYR C 12 6.88 13.86 29.22
CA TYR C 12 7.05 13.32 27.88
C TYR C 12 8.48 12.88 27.65
N GLN C 13 8.62 11.76 26.97
CA GLN C 13 9.92 11.20 26.62
C GLN C 13 9.84 10.85 25.15
N LEU C 14 10.82 11.30 24.39
CA LEU C 14 10.91 10.90 23.00
C LEU C 14 11.27 9.42 22.92
N PRO C 15 10.50 8.60 22.21
CA PRO C 15 10.86 7.18 22.09
C PRO C 15 12.22 7.07 21.42
N VAL C 16 13.11 6.30 22.03
CA VAL C 16 14.44 6.01 21.50
C VAL C 16 14.39 4.64 20.83
N VAL C 17 14.70 4.58 19.54
CA VAL C 17 14.56 3.34 18.78
C VAL C 17 15.71 2.38 19.06
N LEU C 31 33.84 5.76 12.34
CA LEU C 31 33.29 6.02 13.67
C LEU C 31 32.68 7.41 13.70
N LEU C 32 31.68 7.59 14.56
CA LEU C 32 31.00 8.88 14.67
C LEU C 32 30.64 9.12 16.12
N TRP C 33 31.26 10.14 16.72
CA TRP C 33 30.99 10.56 18.09
C TRP C 33 30.04 11.75 18.02
N VAL C 34 28.81 11.56 18.49
CA VAL C 34 27.88 12.68 18.63
C VAL C 34 28.27 13.39 19.91
N GLU C 35 29.07 14.45 19.77
CA GLU C 35 29.73 15.04 20.94
C GLU C 35 28.73 15.73 21.85
N GLN C 36 27.83 16.52 21.28
CA GLN C 36 26.89 17.25 22.14
C GLN C 36 25.77 17.81 21.29
N VAL C 37 24.60 17.92 21.92
CA VAL C 37 23.47 18.64 21.36
C VAL C 37 23.11 19.73 22.34
N THR C 38 23.12 20.98 21.88
CA THR C 38 22.81 22.13 22.73
C THR C 38 21.50 22.77 22.28
N VAL C 39 20.76 23.32 23.25
CA VAL C 39 19.55 24.08 23.01
C VAL C 39 19.68 25.42 23.74
N PRO C 40 19.03 26.49 23.29
CA PRO C 40 19.04 27.75 24.04
C PRO C 40 18.14 27.66 25.27
N ASP C 41 18.18 28.73 26.07
CA ASP C 41 17.53 28.73 27.39
C ASP C 41 16.04 28.47 27.29
N TYR C 42 15.37 29.07 26.29
CA TYR C 42 13.92 28.96 26.23
C TYR C 42 13.45 27.53 25.97
N LEU C 43 14.32 26.70 25.41
CA LEU C 43 14.03 25.28 25.24
C LEU C 43 14.56 24.41 26.37
N ALA C 44 15.35 24.96 27.29
CA ALA C 44 16.04 24.19 28.32
C ALA C 44 15.28 24.10 29.63
N GLY C 45 14.10 24.71 29.72
CA GLY C 45 13.27 24.56 30.89
C GLY C 45 12.59 23.21 30.90
N ASN C 46 11.69 23.04 31.86
CA ASN C 46 10.98 21.78 31.96
C ASN C 46 9.90 21.67 30.90
N GLY C 47 9.29 22.79 30.51
CA GLY C 47 8.06 22.75 29.77
C GLY C 47 8.28 22.62 28.28
N VAL C 48 7.36 21.89 27.65
CA VAL C 48 7.33 21.79 26.20
C VAL C 48 6.87 23.13 25.62
N VAL C 49 7.41 23.48 24.46
CA VAL C 49 7.19 24.82 23.90
C VAL C 49 6.12 24.77 22.82
N TYR C 50 5.16 25.71 22.91
CA TYR C 50 4.12 25.86 21.90
C TYR C 50 4.11 27.31 21.44
N GLN C 51 4.20 27.52 20.12
CA GLN C 51 4.26 28.86 19.57
C GLN C 51 2.84 29.33 19.26
N THR C 52 2.34 30.30 20.04
CA THR C 52 0.96 30.74 19.93
C THR C 52 0.77 31.87 18.93
N SER C 53 1.84 32.53 18.51
CA SER C 53 1.75 33.59 17.51
C SER C 53 3.05 33.63 16.73
N ASP C 54 3.20 34.62 15.86
CA ASP C 54 4.42 34.73 15.08
C ASP C 54 5.62 35.19 15.90
N VAL C 55 5.37 35.77 17.08
CA VAL C 55 6.44 36.26 17.93
C VAL C 55 6.52 35.53 19.27
N LYS C 56 5.51 34.76 19.65
CA LYS C 56 5.36 34.33 21.03
C LYS C 56 5.49 32.81 21.15
N TYR C 57 6.38 32.38 22.05
CA TYR C 57 6.56 30.98 22.39
C TYR C 57 6.18 30.81 23.86
N VAL C 58 5.35 29.83 24.17
CA VAL C 58 4.82 29.63 25.52
C VAL C 58 5.36 28.32 26.08
N ILE C 59 5.87 28.37 27.30
CA ILE C 59 6.35 27.18 27.99
C ILE C 59 5.21 26.63 28.83
N ALA C 60 4.86 25.37 28.59
CA ALA C 60 3.75 24.76 29.31
C ALA C 60 4.10 24.50 30.76
N ASN C 61 3.13 24.69 31.65
CA ASN C 61 3.33 24.40 33.06
C ASN C 61 3.00 22.96 33.40
N ASN C 62 2.13 22.32 32.63
CA ASN C 62 1.66 20.99 32.97
C ASN C 62 2.02 19.94 31.93
N ASN C 63 2.87 20.29 30.97
CA ASN C 63 3.33 19.36 29.93
C ASN C 63 4.84 19.57 29.80
N LEU C 64 5.59 18.68 30.44
CA LEU C 64 7.01 18.82 30.71
C LEU C 64 7.78 17.66 30.10
N TRP C 65 9.08 17.86 29.88
CA TRP C 65 9.95 16.76 29.47
C TRP C 65 10.30 15.88 30.67
N ALA C 66 10.24 14.55 30.47
CA ALA C 66 10.55 13.61 31.55
C ALA C 66 12.05 13.55 31.85
N SER C 67 12.87 14.03 30.94
CA SER C 67 14.31 14.14 31.13
C SER C 67 14.78 15.31 30.28
N PRO C 68 15.95 15.88 30.57
CA PRO C 68 16.37 17.10 29.89
C PRO C 68 16.32 16.96 28.37
N LEU C 69 15.79 18.00 27.71
CA LEU C 69 15.53 17.90 26.27
C LEU C 69 16.82 17.72 25.49
N ASP C 70 17.90 18.38 25.89
CA ASP C 70 19.13 18.25 25.11
C ASP C 70 19.67 16.82 25.16
N GLN C 71 19.57 16.17 26.32
CA GLN C 71 19.95 14.76 26.40
C GLN C 71 19.06 13.89 25.52
N GLN C 72 17.75 14.14 25.53
CA GLN C 72 16.85 13.34 24.72
C GLN C 72 17.15 13.51 23.24
N LEU C 73 17.42 14.75 22.83
CA LEU C 73 17.79 15.01 21.45
C LEU C 73 19.08 14.29 21.09
N ARG C 74 20.07 14.32 21.98
CA ARG C 74 21.34 13.65 21.70
C ARG C 74 21.16 12.13 21.59
N ASN C 75 20.44 11.53 22.55
CA ASN C 75 20.25 10.08 22.56
C ASN C 75 19.45 9.61 21.33
N THR C 76 18.37 10.34 20.98
CA THR C 76 17.60 9.96 19.81
C THR C 76 18.41 10.18 18.53
N LEU C 77 19.22 11.24 18.50
CA LEU C 77 20.10 11.45 17.35
C LEU C 77 21.04 10.28 17.16
N VAL C 78 21.66 9.82 18.25
CA VAL C 78 22.59 8.71 18.16
C VAL C 78 21.89 7.47 17.65
N ALA C 79 20.72 7.15 18.22
CA ALA C 79 20.01 5.94 17.80
C ALA C 79 19.56 6.02 16.34
N ASN C 80 19.00 7.16 15.93
CA ASN C 80 18.51 7.31 14.56
C ASN C 80 19.66 7.25 13.57
N LEU C 81 20.78 7.92 13.87
CA LEU C 81 21.95 7.83 13.02
C LEU C 81 22.45 6.39 12.93
N SER C 82 22.43 5.66 14.04
CA SER C 82 22.86 4.27 14.00
C SER C 82 22.02 3.46 13.04
N THR C 83 20.69 3.67 13.04
CA THR C 83 19.88 2.94 12.07
C THR C 83 20.13 3.43 10.65
N GLN C 84 20.46 4.70 10.48
CA GLN C 84 20.67 5.22 9.13
C GLN C 84 22.08 4.99 8.59
N LEU C 85 23.02 4.56 9.43
CA LEU C 85 24.43 4.46 9.05
C LEU C 85 24.94 3.04 9.29
N PRO C 86 24.52 2.09 8.46
CA PRO C 86 25.11 0.74 8.54
C PRO C 86 26.59 0.79 8.17
N GLY C 87 27.38 -0.01 8.85
CA GLY C 87 28.82 0.05 8.71
C GLY C 87 29.49 1.09 9.58
N TRP C 88 28.72 1.94 10.24
CA TRP C 88 29.24 2.94 11.17
C TRP C 88 28.99 2.53 12.61
N VAL C 89 29.83 3.03 13.51
CA VAL C 89 29.57 2.99 14.95
C VAL C 89 29.30 4.41 15.40
N VAL C 90 28.08 4.66 15.87
CA VAL C 90 27.65 5.96 16.38
C VAL C 90 27.44 5.84 17.88
N ALA C 91 28.00 6.79 18.64
CA ALA C 91 27.94 6.72 20.09
C ALA C 91 27.96 8.14 20.66
N SER C 92 27.51 8.24 21.91
CA SER C 92 27.55 9.50 22.64
C SER C 92 28.86 9.72 23.40
N GLN C 93 29.73 8.70 23.45
CA GLN C 93 31.04 8.74 24.09
C GLN C 93 32.11 8.56 23.02
N PRO C 94 33.32 9.08 23.24
CA PRO C 94 34.35 9.00 22.18
C PRO C 94 34.67 7.55 21.84
N LEU C 95 35.01 7.32 20.57
CA LEU C 95 35.23 5.99 20.05
C LEU C 95 36.65 5.72 19.58
N GLY C 96 37.35 6.72 19.05
CA GLY C 96 38.70 6.48 18.55
C GLY C 96 39.28 7.73 17.90
N SER C 97 40.60 7.68 17.70
CA SER C 97 41.29 8.81 17.10
C SER C 97 40.82 9.05 15.66
N ALA C 98 40.34 8.00 14.99
CA ALA C 98 39.85 8.11 13.62
C ALA C 98 38.39 8.56 13.54
N GLN C 99 37.78 8.98 14.64
CA GLN C 99 36.35 9.27 14.63
C GLN C 99 36.03 10.60 13.96
N ASP C 100 34.88 10.63 13.30
CA ASP C 100 34.22 11.88 12.98
C ASP C 100 33.48 12.37 14.24
N THR C 101 33.33 13.69 14.36
CA THR C 101 32.58 14.23 15.48
C THR C 101 31.41 15.05 14.97
N LEU C 102 30.30 15.01 15.69
CA LEU C 102 29.09 15.73 15.30
C LEU C 102 28.60 16.55 16.47
N ASN C 103 28.45 17.86 16.25
CA ASN C 103 27.87 18.76 17.25
C ASN C 103 26.65 19.44 16.64
N VAL C 104 25.56 19.51 17.40
CA VAL C 104 24.29 20.02 16.87
C VAL C 104 23.73 21.03 17.86
N THR C 105 23.32 22.19 17.36
CA THR C 105 22.48 23.12 18.09
C THR C 105 21.06 23.02 17.55
N VAL C 106 20.09 22.88 18.45
CA VAL C 106 18.68 22.91 18.09
C VAL C 106 18.11 24.22 18.65
N THR C 107 17.69 25.13 17.76
CA THR C 107 17.15 26.41 18.20
C THR C 107 15.63 26.47 18.21
N GLU C 108 14.95 25.56 17.51
CA GLU C 108 13.50 25.46 17.57
C GLU C 108 13.08 24.01 17.71
N PHE C 109 12.13 23.76 18.59
CA PHE C 109 11.60 22.42 18.81
C PHE C 109 10.23 22.53 19.46
N ASN C 110 9.21 22.93 18.69
CA ASN C 110 7.97 23.37 19.31
C ASN C 110 6.78 23.04 18.42
N GLY C 111 5.60 23.01 19.05
CA GLY C 111 4.35 23.02 18.30
C GLY C 111 3.99 24.44 17.91
N ARG C 112 2.97 24.58 17.06
CA ARG C 112 2.61 25.92 16.57
C ARG C 112 1.10 26.01 16.38
N TYR C 113 0.59 27.24 16.51
CA TYR C 113 -0.85 27.52 16.51
C TYR C 113 -1.57 27.01 15.27
N ASP C 114 -0.87 26.86 14.14
CA ASP C 114 -1.48 26.40 12.91
C ASP C 114 -1.42 24.88 12.76
N GLY C 115 -1.10 24.16 13.82
CA GLY C 115 -1.01 22.72 13.77
C GLY C 115 0.30 22.19 13.26
N LYS C 116 1.27 23.06 12.97
CA LYS C 116 2.56 22.59 12.48
C LYS C 116 3.52 22.44 13.64
N VAL C 117 4.56 21.65 13.40
CA VAL C 117 5.64 21.40 14.33
C VAL C 117 6.93 21.86 13.67
N ILE C 118 7.77 22.59 14.41
CA ILE C 118 8.96 23.24 13.84
C ILE C 118 10.19 22.69 14.52
N VAL C 119 11.19 22.30 13.72
CA VAL C 119 12.46 21.77 14.22
C VAL C 119 13.57 22.43 13.42
N SER C 120 14.39 23.25 14.06
CA SER C 120 15.43 23.93 13.32
C SER C 120 16.68 24.07 14.16
N GLY C 121 17.78 24.36 13.49
CA GLY C 121 19.07 24.52 14.15
C GLY C 121 20.20 24.46 13.15
N GLU C 122 21.32 23.89 13.60
CA GLU C 122 22.54 23.83 12.81
C GLU C 122 23.42 22.69 13.31
N TRP C 123 23.99 21.92 12.39
CA TRP C 123 24.93 20.87 12.78
C TRP C 123 26.30 21.14 12.18
N LEU C 124 27.31 20.58 12.85
CA LEU C 124 28.72 20.76 12.53
C LEU C 124 29.40 19.39 12.59
N LEU C 125 29.84 18.90 11.44
CA LEU C 125 30.48 17.61 11.34
C LEU C 125 31.97 17.82 11.09
N ASN C 126 32.79 17.17 11.89
CA ASN C 126 34.22 17.08 11.65
C ASN C 126 34.47 15.70 11.07
N HIS C 127 34.71 15.67 9.76
CA HIS C 127 34.95 14.47 8.97
C HIS C 127 36.39 14.48 8.50
N GLN C 128 37.23 13.68 9.17
CA GLN C 128 38.64 13.53 8.81
C GLN C 128 39.35 14.88 8.71
N GLY C 129 39.07 15.76 9.67
CA GLY C 129 39.67 17.08 9.71
C GLY C 129 38.95 18.14 8.91
N GLN C 130 37.92 17.78 8.15
CA GLN C 130 37.14 18.73 7.38
C GLN C 130 35.91 19.14 8.17
N LEU C 131 35.66 20.44 8.25
CA LEU C 131 34.52 20.97 8.96
C LEU C 131 33.39 21.25 7.97
N ILE C 132 32.22 20.68 8.23
CA ILE C 132 31.05 20.88 7.40
C ILE C 132 29.94 21.41 8.30
N LYS C 133 29.52 22.65 8.06
CA LYS C 133 28.56 23.34 8.91
C LYS C 133 27.30 23.59 8.09
N ARG C 134 26.15 23.12 8.58
CA ARG C 134 24.94 23.18 7.79
C ARG C 134 23.74 23.55 8.65
N PRO C 135 23.00 24.59 8.29
CA PRO C 135 21.72 24.87 8.96
C PRO C 135 20.66 23.88 8.52
N PHE C 136 19.64 23.71 9.36
CA PHE C 136 18.49 22.89 9.00
C PHE C 136 17.22 23.50 9.55
N ARG C 137 16.13 23.31 8.82
CA ARG C 137 14.80 23.70 9.29
C ARG C 137 13.77 22.79 8.65
N LEU C 138 13.04 22.04 9.47
CA LEU C 138 12.04 21.09 9.02
C LEU C 138 10.71 21.38 9.70
N GLU C 139 9.62 21.06 9.00
CA GLU C 139 8.27 21.22 9.53
C GLU C 139 7.54 19.90 9.40
N GLY C 140 6.74 19.57 10.43
CA GLY C 140 5.81 18.47 10.37
C GLY C 140 4.40 18.99 10.64
N VAL C 141 3.42 18.14 10.41
CA VAL C 141 2.02 18.49 10.60
C VAL C 141 1.41 17.58 11.66
N GLN C 142 0.76 18.19 12.63
CA GLN C 142 0.07 17.48 13.70
C GLN C 142 -1.32 17.14 13.19
N THR C 143 -1.55 15.87 12.87
CA THR C 143 -2.85 15.50 12.34
C THR C 143 -3.89 15.30 13.43
N GLN C 144 -3.50 15.15 14.69
CA GLN C 144 -4.45 15.13 15.81
C GLN C 144 -4.04 16.12 16.89
N ASP C 145 -5.04 16.65 17.62
CA ASP C 145 -4.80 17.57 18.72
C ASP C 145 -4.10 16.87 19.88
N GLY C 146 -3.47 17.67 20.72
CA GLY C 146 -2.92 17.18 21.96
C GLY C 146 -1.40 17.10 21.92
N TYR C 147 -0.81 17.13 23.12
CA TYR C 147 0.65 17.06 23.25
C TYR C 147 1.20 15.68 22.91
N ASP C 148 0.40 14.63 23.10
CA ASP C 148 0.79 13.27 22.72
C ASP C 148 1.25 13.23 21.25
N GLU C 149 0.35 13.61 20.34
CA GLU C 149 0.68 13.59 18.92
C GLU C 149 1.73 14.63 18.58
N MET C 150 1.71 15.79 19.26
CA MET C 150 2.72 16.81 19.00
C MET C 150 4.12 16.29 19.28
N VAL C 151 4.30 15.60 20.41
CA VAL C 151 5.60 15.04 20.76
C VAL C 151 5.98 13.93 19.79
N LYS C 152 5.00 13.11 19.38
CA LYS C 152 5.25 12.09 18.37
C LYS C 152 5.75 12.71 17.05
N VAL C 153 5.11 13.78 16.60
CA VAL C 153 5.52 14.45 15.38
C VAL C 153 6.90 15.10 15.54
N LEU C 154 7.17 15.68 16.71
CA LEU C 154 8.51 16.25 16.92
C LEU C 154 9.57 15.17 16.83
N ALA C 155 9.32 14.01 17.44
CA ALA C 155 10.26 12.91 17.36
C ALA C 155 10.45 12.45 15.92
N GLY C 156 9.35 12.36 15.16
CA GLY C 156 9.45 11.97 13.76
C GLY C 156 10.26 12.94 12.91
N VAL C 157 10.05 14.24 13.12
CA VAL C 157 10.79 15.24 12.35
C VAL C 157 12.25 15.22 12.74
N TRP C 158 12.54 15.07 14.04
CA TRP C 158 13.92 14.93 14.50
C TRP C 158 14.59 13.71 13.87
N SER C 159 13.84 12.61 13.72
CA SER C 159 14.42 11.43 13.06
C SER C 159 14.72 11.72 11.60
N GLN C 160 13.85 12.51 10.96
CA GLN C 160 14.16 12.92 9.59
C GLN C 160 15.43 13.76 9.51
N GLU C 161 15.68 14.60 10.52
CA GLU C 161 16.93 15.38 10.52
C GLU C 161 18.15 14.49 10.67
N ALA C 162 18.06 13.46 11.52
CA ALA C 162 19.13 12.49 11.58
C ALA C 162 19.36 11.85 10.22
N ALA C 163 18.27 11.54 9.50
CA ALA C 163 18.40 10.94 8.18
C ALA C 163 19.09 11.88 7.19
N SER C 164 18.74 13.18 7.26
CA SER C 164 19.41 14.16 6.41
C SER C 164 20.91 14.20 6.69
N ILE C 165 21.29 14.24 7.97
CA ILE C 165 22.71 14.25 8.33
C ILE C 165 23.39 12.97 7.83
N ALA C 166 22.74 11.82 8.00
CA ALA C 166 23.33 10.56 7.58
C ALA C 166 23.47 10.50 6.07
N GLN C 167 22.52 11.04 5.31
CA GLN C 167 22.64 11.10 3.87
C GLN C 167 23.81 11.98 3.45
N GLU C 168 23.99 13.12 4.13
CA GLU C 168 25.17 13.93 3.86
C GLU C 168 26.46 13.17 4.13
N ILE C 169 26.51 12.42 5.24
CA ILE C 169 27.71 11.67 5.56
C ILE C 169 27.97 10.56 4.54
N LYS C 170 26.92 9.85 4.12
CA LYS C 170 27.08 8.72 3.21
C LYS C 170 27.59 9.13 1.84
N ARG C 171 27.42 10.40 1.46
CA ARG C 171 27.97 10.91 0.21
C ARG C 171 29.44 11.30 0.33
N LEU C 172 29.99 11.30 1.54
CA LEU C 172 31.40 11.66 1.73
C LEU C 172 32.28 10.43 1.51
N PRO C 173 33.47 10.61 0.89
CA PRO C 173 34.42 9.50 0.77
C PRO C 173 34.94 9.05 2.15
#